data_5GRO
#
_entry.id   5GRO
#
_cell.length_a   61.830
_cell.length_b   61.830
_cell.length_c   141.376
_cell.angle_alpha   90.000
_cell.angle_beta   90.000
_cell.angle_gamma   90.000
#
_symmetry.space_group_name_H-M   'P 41 21 2'
#
loop_
_entity.id
_entity.type
_entity.pdbx_description
1 polymer 'Aspartate--tRNA(Asp/Asn) ligase'
2 non-polymer GLYCEROL
3 non-polymer 'butanoic acid'
4 non-polymer IMIDAZOLE
5 water water
#
_entity_poly.entity_id   1
_entity_poly.type   'polypeptide(L)'
_entity_poly.pdbx_seq_one_letter_code
;MAHHHHHHVGTMRSHFCTEISEKDVGKIVKVAGWCNTYRDHGGVVFIDLRDKSGLVQLVCDPSSKAYEKALEVRSEFVLV
AKGKVRLRGAGLENPKLKTGKIEIVLEELIIENKS
;
_entity_poly.pdbx_strand_id   A,B
#
loop_
_chem_comp.id
_chem_comp.type
_chem_comp.name
_chem_comp.formula
BUA non-polymer 'butanoic acid' 'C4 H8 O2'
GOL non-polymer GLYCEROL 'C3 H8 O3'
IMD non-polymer IMIDAZOLE 'C3 H5 N2 1'
#
# COMPACT_ATOMS: atom_id res chain seq x y z
N ARG A 13 12.62 5.60 -8.14
CA ARG A 13 11.28 6.13 -8.57
C ARG A 13 10.32 4.98 -8.93
N SER A 14 9.13 5.02 -8.35
CA SER A 14 8.07 4.09 -8.73
C SER A 14 7.46 4.45 -10.08
N HIS A 15 6.91 3.44 -10.74
CA HIS A 15 5.88 3.63 -11.75
C HIS A 15 4.59 3.22 -11.06
N PHE A 16 3.49 3.87 -11.43
CA PHE A 16 2.18 3.30 -11.17
C PHE A 16 2.07 1.99 -11.95
N CYS A 17 1.34 1.04 -11.38
CA CYS A 17 1.25 -0.33 -11.93
C CYS A 17 0.97 -0.37 -13.41
N THR A 18 -0.01 0.42 -13.85
CA THR A 18 -0.40 0.39 -15.27
C THR A 18 0.31 1.41 -16.16
N GLU A 19 1.31 2.11 -15.62
CA GLU A 19 2.26 2.85 -16.46
C GLU A 19 3.32 1.94 -17.10
N ILE A 20 3.44 0.72 -16.61
CA ILE A 20 4.38 -0.25 -17.19
C ILE A 20 3.77 -0.75 -18.50
N SER A 21 4.56 -0.75 -19.57
CA SER A 21 4.09 -1.19 -20.89
C SER A 21 5.19 -1.89 -21.68
N GLU A 22 4.88 -2.24 -22.93
CA GLU A 22 5.81 -2.94 -23.81
C GLU A 22 7.11 -2.20 -24.00
N LYS A 23 7.05 -0.88 -24.01
CA LYS A 23 8.26 -0.05 -24.12
C LYS A 23 9.24 -0.26 -22.96
N ASP A 24 8.77 -0.85 -21.84
CA ASP A 24 9.61 -1.05 -20.66
C ASP A 24 10.28 -2.43 -20.58
N VAL A 25 9.99 -3.32 -21.52
CA VAL A 25 10.58 -4.66 -21.51
C VAL A 25 12.09 -4.61 -21.33
N GLY A 26 12.62 -5.43 -20.43
CA GLY A 26 14.04 -5.46 -20.13
C GLY A 26 14.51 -4.48 -19.08
N LYS A 27 13.69 -3.49 -18.74
CA LYS A 27 14.06 -2.51 -17.71
C LYS A 27 13.69 -2.98 -16.31
N ILE A 28 14.38 -2.44 -15.31
CA ILE A 28 14.08 -2.72 -13.93
C ILE A 28 13.09 -1.67 -13.45
N VAL A 29 11.98 -2.11 -12.87
CA VAL A 29 10.99 -1.16 -12.36
C VAL A 29 10.67 -1.42 -10.89
N LYS A 30 10.20 -0.37 -10.24
CA LYS A 30 9.73 -0.43 -8.87
C LYS A 30 8.26 -0.04 -8.86
N VAL A 31 7.45 -0.81 -8.16
CA VAL A 31 6.01 -0.57 -8.08
C VAL A 31 5.54 -0.77 -6.64
N ALA A 32 4.47 -0.10 -6.27
CA ALA A 32 3.90 -0.25 -4.93
C ALA A 32 2.40 -0.39 -5.04
N GLY A 33 1.82 -1.25 -4.21
CA GLY A 33 0.39 -1.52 -4.30
C GLY A 33 -0.05 -2.47 -3.21
N TRP A 34 -1.24 -3.03 -3.39
CA TRP A 34 -1.69 -4.11 -2.53
C TRP A 34 -2.02 -5.34 -3.35
N CYS A 35 -1.93 -6.51 -2.72
CA CYS A 35 -2.18 -7.78 -3.39
C CYS A 35 -3.65 -7.90 -3.72
N ASN A 36 -3.98 -7.90 -5.00
CA ASN A 36 -5.35 -8.13 -5.43
C ASN A 36 -5.67 -9.62 -5.46
N THR A 37 -4.71 -10.40 -6.00
CA THR A 37 -4.85 -11.86 -6.06
C THR A 37 -3.45 -12.44 -5.90
N TYR A 38 -3.36 -13.48 -5.09
CA TYR A 38 -2.15 -14.29 -4.95
C TYR A 38 -2.49 -15.66 -5.50
N ARG A 39 -1.63 -16.21 -6.34
CA ARG A 39 -1.79 -17.54 -6.87
C ARG A 39 -0.45 -18.29 -6.85
N ASP A 40 -0.49 -19.57 -6.51
CA ASP A 40 0.67 -20.44 -6.55
C ASP A 40 0.29 -21.68 -7.34
N HIS A 41 0.98 -21.89 -8.48
CA HIS A 41 0.80 -23.05 -9.34
C HIS A 41 2.15 -23.54 -9.88
N GLY A 42 2.41 -24.83 -9.75
CA GLY A 42 3.67 -25.39 -10.28
C GLY A 42 4.91 -24.76 -9.67
N GLY A 43 4.80 -24.36 -8.41
CA GLY A 43 5.88 -23.67 -7.71
C GLY A 43 6.08 -22.20 -8.04
N VAL A 44 5.32 -21.69 -8.99
CA VAL A 44 5.45 -20.31 -9.42
C VAL A 44 4.38 -19.46 -8.73
N VAL A 45 4.81 -18.31 -8.22
CA VAL A 45 3.92 -17.38 -7.55
C VAL A 45 3.54 -16.26 -8.50
N PHE A 46 2.25 -15.99 -8.58
CA PHE A 46 1.69 -14.95 -9.43
C PHE A 46 0.92 -14.02 -8.53
N ILE A 47 1.29 -12.75 -8.53
CA ILE A 47 0.59 -11.74 -7.76
C ILE A 47 0.05 -10.65 -8.67
N ASP A 48 -1.26 -10.43 -8.65
CA ASP A 48 -1.82 -9.23 -9.27
C ASP A 48 -1.71 -8.11 -8.25
N LEU A 49 -0.82 -7.18 -8.51
CA LEU A 49 -0.60 -6.03 -7.67
C LEU A 49 -1.51 -4.90 -8.12
N ARG A 50 -2.29 -4.37 -7.19
CA ARG A 50 -3.21 -3.25 -7.48
C ARG A 50 -2.70 -1.95 -6.84
N ASP A 51 -2.78 -0.86 -7.60
CA ASP A 51 -2.62 0.47 -7.04
C ASP A 51 -3.69 1.38 -7.64
N LYS A 52 -3.56 2.69 -7.44
CA LYS A 52 -4.51 3.65 -7.99
C LYS A 52 -4.77 3.48 -9.48
N SER A 53 -3.75 3.06 -10.23
CA SER A 53 -3.84 2.95 -11.67
C SER A 53 -4.43 1.63 -12.20
N GLY A 54 -4.49 0.60 -11.36
CA GLY A 54 -4.98 -0.70 -11.80
C GLY A 54 -4.02 -1.81 -11.44
N LEU A 55 -4.04 -2.87 -12.26
CA LEU A 55 -3.31 -4.11 -11.97
C LEU A 55 -2.07 -4.35 -12.83
N VAL A 56 -1.04 -4.92 -12.22
CA VAL A 56 0.07 -5.51 -12.95
C VAL A 56 0.44 -6.85 -12.32
N GLN A 57 0.78 -7.83 -13.15
CA GLN A 57 1.19 -9.15 -12.69
C GLN A 57 2.68 -9.21 -12.32
N LEU A 58 2.93 -9.66 -11.09
CA LEU A 58 4.27 -10.03 -10.66
C LEU A 58 4.40 -11.53 -10.77
N VAL A 59 5.55 -12.01 -11.24
CA VAL A 59 5.82 -13.45 -11.28
C VAL A 59 7.12 -13.75 -10.53
N CYS A 60 7.09 -14.79 -9.71
CA CYS A 60 8.22 -15.12 -8.87
C CYS A 60 8.41 -16.64 -8.80
N ASP A 61 9.61 -17.13 -9.10
CA ASP A 61 9.89 -18.56 -8.97
C ASP A 61 10.96 -18.78 -7.91
N PRO A 62 11.21 -20.04 -7.52
CA PRO A 62 12.14 -20.31 -6.42
C PRO A 62 13.57 -19.80 -6.63
N SER A 63 13.96 -19.53 -7.87
CA SER A 63 15.31 -18.98 -8.15
C SER A 63 15.44 -17.49 -7.80
N SER A 64 14.33 -16.80 -7.62
CA SER A 64 14.37 -15.41 -7.16
C SER A 64 14.73 -15.30 -5.69
N LYS A 65 15.56 -14.32 -5.37
CA LYS A 65 15.79 -13.94 -3.98
C LYS A 65 14.53 -13.48 -3.25
N ALA A 66 13.51 -13.03 -3.98
CA ALA A 66 12.28 -12.54 -3.35
C ALA A 66 11.24 -13.65 -3.09
N TYR A 67 11.56 -14.86 -3.51
CA TYR A 67 10.59 -15.97 -3.43
C TYR A 67 10.11 -16.27 -2.02
N GLU A 68 11.04 -16.40 -1.07
CA GLU A 68 10.62 -16.74 0.29
C GLU A 68 9.68 -15.69 0.87
N LYS A 69 9.95 -14.42 0.60
CA LYS A 69 9.06 -13.34 1.04
C LYS A 69 7.72 -13.36 0.30
N ALA A 70 7.75 -13.62 -1.00
CA ALA A 70 6.56 -13.70 -1.83
C ALA A 70 5.59 -14.76 -1.32
N LEU A 71 6.12 -15.87 -0.82
CA LEU A 71 5.30 -16.91 -0.22
C LEU A 71 4.48 -16.46 0.97
N GLU A 72 4.85 -15.35 1.61
CA GLU A 72 4.14 -14.85 2.77
C GLU A 72 2.97 -13.93 2.40
N VAL A 73 2.80 -13.64 1.12
CA VAL A 73 1.82 -12.64 0.69
C VAL A 73 0.41 -13.15 0.83
N ARG A 74 -0.46 -12.27 1.31
CA ARG A 74 -1.89 -12.52 1.36
C ARG A 74 -2.61 -11.38 0.66
N SER A 75 -3.86 -11.63 0.29
CA SER A 75 -4.70 -10.62 -0.34
C SER A 75 -4.74 -9.38 0.55
N GLU A 76 -4.65 -8.23 -0.07
CA GLU A 76 -4.72 -6.91 0.59
C GLU A 76 -3.48 -6.49 1.38
N PHE A 77 -2.42 -7.31 1.40
CA PHE A 77 -1.15 -6.87 1.95
C PHE A 77 -0.56 -5.79 1.05
N VAL A 78 0.12 -4.83 1.68
CA VAL A 78 0.79 -3.75 1.00
C VAL A 78 2.19 -4.23 0.65
N LEU A 79 2.51 -4.11 -0.64
CA LEU A 79 3.73 -4.62 -1.18
C LEU A 79 4.50 -3.53 -1.87
N VAL A 80 5.83 -3.60 -1.79
CA VAL A 80 6.70 -2.74 -2.60
C VAL A 80 7.66 -3.69 -3.28
N ALA A 81 7.61 -3.68 -4.61
CA ALA A 81 8.27 -4.70 -5.42
C ALA A 81 9.22 -4.08 -6.44
N LYS A 82 10.27 -4.83 -6.75
CA LYS A 82 11.21 -4.42 -7.78
C LYS A 82 11.51 -5.64 -8.65
N GLY A 83 11.49 -5.45 -9.97
CA GLY A 83 11.82 -6.52 -10.87
C GLY A 83 11.93 -6.12 -12.32
N LYS A 84 12.16 -7.10 -13.17
CA LYS A 84 12.37 -6.86 -14.58
C LYS A 84 11.10 -7.09 -15.38
N VAL A 85 10.77 -6.12 -16.23
CA VAL A 85 9.60 -6.20 -17.10
C VAL A 85 9.91 -7.09 -18.29
N ARG A 86 8.98 -7.98 -18.61
CA ARG A 86 9.09 -8.79 -19.80
C ARG A 86 7.72 -9.00 -20.39
N LEU A 87 7.69 -9.48 -21.63
CA LEU A 87 6.45 -9.89 -22.28
C LEU A 87 5.94 -11.13 -21.57
N ARG A 88 4.63 -11.26 -21.41
CA ARG A 88 4.08 -12.54 -21.02
C ARG A 88 4.40 -13.52 -22.14
N GLY A 89 4.60 -14.79 -21.82
CA GLY A 89 4.91 -15.78 -22.85
C GLY A 89 3.80 -15.92 -23.89
N ALA A 90 4.11 -16.60 -25.00
CA ALA A 90 3.14 -16.79 -26.07
C ALA A 90 1.90 -17.52 -25.56
N GLY A 91 0.73 -17.00 -25.93
CA GLY A 91 -0.53 -17.54 -25.49
C GLY A 91 -0.97 -17.10 -24.11
N LEU A 92 -0.13 -16.37 -23.40
CA LEU A 92 -0.41 -15.99 -22.01
C LEU A 92 -0.83 -14.52 -21.87
N GLU A 93 -0.74 -13.76 -22.96
CA GLU A 93 -1.17 -12.38 -22.93
C GLU A 93 -2.65 -12.31 -22.51
N ASN A 94 -2.99 -11.31 -21.72
CA ASN A 94 -4.38 -11.14 -21.30
C ASN A 94 -4.91 -9.80 -21.78
N PRO A 95 -5.69 -9.78 -22.88
CA PRO A 95 -6.11 -8.50 -23.44
C PRO A 95 -7.14 -7.75 -22.60
N LYS A 96 -7.62 -8.38 -21.53
CA LYS A 96 -8.60 -7.74 -20.66
C LYS A 96 -7.99 -6.84 -19.60
N LEU A 97 -6.66 -6.71 -19.63
CA LEU A 97 -5.94 -5.83 -18.73
C LEU A 97 -5.09 -4.90 -19.53
N LYS A 98 -5.04 -3.65 -19.09
CA LYS A 98 -4.12 -2.69 -19.69
C LYS A 98 -2.69 -3.22 -19.78
N THR A 99 -2.18 -3.83 -18.70
CA THR A 99 -0.81 -4.35 -18.68
C THR A 99 -0.72 -5.81 -19.11
N GLY A 100 -1.76 -6.32 -19.75
CA GLY A 100 -1.90 -7.75 -19.98
C GLY A 100 -0.91 -8.40 -20.95
N LYS A 101 -0.13 -7.59 -21.67
CA LYS A 101 0.91 -8.12 -22.52
C LYS A 101 2.25 -8.26 -21.80
N ILE A 102 2.36 -7.70 -20.59
CA ILE A 102 3.62 -7.75 -19.85
C ILE A 102 3.43 -8.30 -18.44
N GLU A 103 4.55 -8.52 -17.77
CA GLU A 103 4.60 -8.92 -16.37
C GLU A 103 5.96 -8.50 -15.79
N ILE A 104 6.06 -8.48 -14.49
CA ILE A 104 7.29 -8.14 -13.82
C ILE A 104 7.87 -9.39 -13.14
N VAL A 105 9.10 -9.74 -13.52
CA VAL A 105 9.80 -10.84 -12.87
C VAL A 105 10.37 -10.31 -11.57
N LEU A 106 9.84 -10.81 -10.46
CA LEU A 106 10.12 -10.27 -9.14
C LEU A 106 11.55 -10.58 -8.68
N GLU A 107 12.29 -9.52 -8.32
CA GLU A 107 13.66 -9.64 -7.82
C GLU A 107 13.79 -9.26 -6.36
N GLU A 108 13.05 -8.24 -5.94
CA GLU A 108 13.01 -7.81 -4.55
C GLU A 108 11.58 -7.52 -4.19
N LEU A 109 11.24 -7.79 -2.93
CA LEU A 109 9.90 -7.57 -2.42
C LEU A 109 9.95 -7.22 -0.95
N ILE A 110 9.19 -6.19 -0.58
CA ILE A 110 8.96 -5.85 0.81
C ILE A 110 7.46 -5.94 1.08
N ILE A 111 7.09 -6.57 2.20
CA ILE A 111 5.73 -6.56 2.68
C ILE A 111 5.70 -5.58 3.84
N GLU A 112 4.91 -4.52 3.68
CA GLU A 112 4.91 -3.39 4.59
C GLU A 112 4.04 -3.63 5.83
N ASN A 113 3.09 -4.56 5.72
CA ASN A 113 2.32 -5.02 6.86
C ASN A 113 3.05 -6.20 7.51
N LYS A 114 2.56 -6.63 8.67
CA LYS A 114 3.08 -7.82 9.34
C LYS A 114 2.75 -9.06 8.54
N SER A 115 3.75 -9.91 8.33
CA SER A 115 3.54 -11.16 7.62
C SER A 115 4.31 -12.31 8.26
N ARG B 13 7.97 -2.21 13.41
CA ARG B 13 6.87 -3.22 13.28
C ARG B 13 5.45 -2.61 13.25
N SER B 14 4.74 -2.86 12.16
CA SER B 14 3.44 -2.26 11.94
C SER B 14 2.32 -2.92 12.75
N HIS B 15 1.23 -2.18 12.95
CA HIS B 15 -0.07 -2.74 13.36
C HIS B 15 -1.00 -2.79 12.15
N PHE B 16 -1.90 -3.75 12.09
CA PHE B 16 -3.04 -3.62 11.18
C PHE B 16 -3.99 -2.56 11.78
N CYS B 17 -4.65 -1.81 10.90
CA CYS B 17 -5.49 -0.68 11.33
C CYS B 17 -6.35 -1.02 12.53
N THR B 18 -7.13 -2.08 12.40
CA THR B 18 -8.10 -2.42 13.44
C THR B 18 -7.50 -3.12 14.68
N GLU B 19 -6.19 -3.31 14.72
CA GLU B 19 -5.51 -3.70 15.97
C GLU B 19 -5.27 -2.49 16.88
N ILE B 20 -5.57 -1.30 16.38
CA ILE B 20 -5.40 -0.08 17.16
C ILE B 20 -6.73 0.35 17.76
N SER B 21 -6.73 0.64 19.05
CA SER B 21 -7.94 1.10 19.72
C SER B 21 -7.60 2.10 20.81
N GLU B 22 -8.63 2.50 21.56
CA GLU B 22 -8.44 3.36 22.73
C GLU B 22 -7.40 2.80 23.74
N LYS B 23 -7.19 1.47 23.74
CA LYS B 23 -6.16 0.82 24.57
C LYS B 23 -4.73 1.26 24.22
N ASP B 24 -4.55 1.76 23.01
CA ASP B 24 -3.24 2.16 22.52
C ASP B 24 -2.93 3.64 22.61
N VAL B 25 -3.84 4.42 23.21
CA VAL B 25 -3.60 5.87 23.34
C VAL B 25 -2.24 6.14 23.98
N GLY B 26 -1.47 7.03 23.35
CA GLY B 26 -0.14 7.39 23.83
C GLY B 26 0.99 6.62 23.17
N LYS B 27 0.68 5.48 22.54
CA LYS B 27 1.69 4.71 21.84
C LYS B 27 1.98 5.24 20.45
N ILE B 28 3.23 5.06 20.04
CA ILE B 28 3.68 5.37 18.71
C ILE B 28 3.51 4.10 17.89
N VAL B 29 2.77 4.20 16.80
CA VAL B 29 2.45 3.03 15.97
C VAL B 29 2.83 3.28 14.52
N LYS B 30 2.94 2.18 13.78
CA LYS B 30 3.21 2.23 12.36
C LYS B 30 2.08 1.48 11.65
N VAL B 31 1.55 2.08 10.60
CA VAL B 31 0.52 1.43 9.78
C VAL B 31 0.87 1.55 8.31
N ALA B 32 0.39 0.60 7.53
CA ALA B 32 0.61 0.59 6.10
C ALA B 32 -0.69 0.25 5.41
N GLY B 33 -1.02 1.01 4.38
CA GLY B 33 -2.26 0.79 3.68
C GLY B 33 -2.37 1.72 2.48
N TRP B 34 -3.60 1.98 2.09
CA TRP B 34 -3.87 2.96 1.04
C TRP B 34 -4.92 3.99 1.47
N CYS B 35 -4.85 5.16 0.85
CA CYS B 35 -5.75 6.24 1.19
C CYS B 35 -7.16 5.92 0.73
N ASN B 36 -8.08 5.74 1.66
CA ASN B 36 -9.49 5.54 1.36
C ASN B 36 -10.14 6.88 1.06
N THR B 37 -9.88 7.86 1.91
CA THR B 37 -10.42 9.21 1.78
C THR B 37 -9.38 10.19 2.29
N TYR B 38 -9.19 11.27 1.55
CA TYR B 38 -8.40 12.40 1.97
C TYR B 38 -9.34 13.59 2.15
N ARG B 39 -9.19 14.30 3.27
CA ARG B 39 -9.99 15.49 3.55
C ARG B 39 -9.10 16.58 4.14
N ASP B 40 -9.37 17.82 3.75
CA ASP B 40 -8.65 19.00 4.25
C ASP B 40 -9.68 20.04 4.63
N HIS B 41 -9.71 20.35 5.92
CA HIS B 41 -10.66 21.32 6.45
C HIS B 41 -9.96 22.17 7.48
N GLY B 42 -10.04 23.49 7.31
CA GLY B 42 -9.44 24.43 8.27
C GLY B 42 -7.96 24.18 8.48
N GLY B 43 -7.26 23.86 7.40
CA GLY B 43 -5.83 23.56 7.45
C GLY B 43 -5.45 22.19 8.00
N VAL B 44 -6.41 21.42 8.48
CA VAL B 44 -6.13 20.11 9.05
C VAL B 44 -6.39 19.02 7.99
N VAL B 45 -5.43 18.12 7.81
CA VAL B 45 -5.55 17.01 6.90
C VAL B 45 -6.02 15.78 7.66
N PHE B 46 -7.10 15.17 7.15
CA PHE B 46 -7.62 13.91 7.66
C PHE B 46 -7.54 12.86 6.57
N ILE B 47 -6.84 11.76 6.85
CA ILE B 47 -6.72 10.65 5.91
C ILE B 47 -7.29 9.39 6.53
N ASP B 48 -8.32 8.81 5.91
CA ASP B 48 -8.75 7.46 6.28
C ASP B 48 -7.85 6.48 5.52
N LEU B 49 -7.01 5.79 6.28
CA LEU B 49 -6.13 4.77 5.72
C LEU B 49 -6.81 3.40 5.80
N ARG B 50 -6.83 2.69 4.66
CA ARG B 50 -7.40 1.35 4.61
C ARG B 50 -6.30 0.31 4.48
N ASP B 51 -6.42 -0.76 5.24
CA ASP B 51 -5.59 -1.92 5.01
C ASP B 51 -6.47 -3.16 5.01
N LYS B 52 -5.86 -4.34 5.04
CA LYS B 52 -6.57 -5.61 5.00
C LYS B 52 -7.61 -5.74 6.11
N SER B 53 -7.34 -5.10 7.25
CA SER B 53 -8.21 -5.19 8.41
C SER B 53 -9.35 -4.17 8.42
N GLY B 54 -9.17 -3.03 7.76
CA GLY B 54 -10.16 -1.95 7.82
C GLY B 54 -9.54 -0.56 7.85
N LEU B 55 -10.21 0.38 8.50
CA LEU B 55 -9.82 1.80 8.46
C LEU B 55 -9.25 2.37 9.76
N VAL B 56 -8.29 3.29 9.63
CA VAL B 56 -7.87 4.15 10.75
C VAL B 56 -7.70 5.58 10.23
N GLN B 57 -8.04 6.55 11.08
CA GLN B 57 -7.90 7.95 10.73
C GLN B 57 -6.54 8.49 11.13
N LEU B 58 -5.84 9.05 10.15
CA LEU B 58 -4.65 9.83 10.36
C LEU B 58 -5.02 11.32 10.37
N VAL B 59 -4.43 12.08 11.28
CA VAL B 59 -4.65 13.53 11.35
CA VAL B 59 -4.65 13.52 11.32
C VAL B 59 -3.31 14.24 11.33
N CYS B 60 -3.25 15.31 10.54
CA CYS B 60 -2.03 16.06 10.36
C CYS B 60 -2.34 17.56 10.25
N ASP B 61 -1.71 18.36 11.10
CA ASP B 61 -1.82 19.81 11.00
C ASP B 61 -0.46 20.38 10.60
N PRO B 62 -0.41 21.69 10.29
CA PRO B 62 0.84 22.29 9.80
C PRO B 62 2.06 22.25 10.74
N SER B 63 1.84 22.03 12.03
CA SER B 63 2.98 21.91 12.95
C SER B 63 3.73 20.56 12.80
N SER B 64 3.09 19.55 12.23
CA SER B 64 3.74 18.24 12.00
C SER B 64 4.78 18.29 10.88
N LYS B 65 5.90 17.61 11.10
CA LYS B 65 6.91 17.42 10.07
C LYS B 65 6.37 16.66 8.85
N ALA B 66 5.29 15.92 9.01
CA ALA B 66 4.70 15.14 7.93
C ALA B 66 3.74 15.94 7.05
N TYR B 67 3.43 17.19 7.43
CA TYR B 67 2.33 17.92 6.80
C TYR B 67 2.51 18.15 5.31
N GLU B 68 3.70 18.60 4.90
CA GLU B 68 3.96 18.85 3.48
C GLU B 68 3.73 17.60 2.64
N LYS B 69 4.21 16.46 3.14
CA LYS B 69 3.99 15.19 2.45
C LYS B 69 2.50 14.81 2.48
N ALA B 70 1.87 15.00 3.63
CA ALA B 70 0.46 14.66 3.75
C ALA B 70 -0.40 15.38 2.69
N LEU B 71 -0.04 16.64 2.39
CA LEU B 71 -0.75 17.44 1.38
C LEU B 71 -0.75 16.86 -0.02
N GLU B 72 0.22 15.99 -0.33
CA GLU B 72 0.33 15.36 -1.65
C GLU B 72 -0.51 14.10 -1.80
N VAL B 73 -1.13 13.64 -0.72
CA VAL B 73 -1.85 12.38 -0.73
C VAL B 73 -3.13 12.47 -1.59
N ARG B 74 -3.35 11.42 -2.37
CA ARG B 74 -4.58 11.26 -3.13
C ARG B 74 -5.20 9.91 -2.81
N SER B 75 -6.49 9.74 -3.10
CA SER B 75 -7.17 8.48 -2.88
C SER B 75 -6.39 7.35 -3.57
N GLU B 76 -6.34 6.20 -2.90
CA GLU B 76 -5.63 4.99 -3.38
C GLU B 76 -4.10 5.05 -3.40
N PHE B 77 -3.49 6.16 -2.98
CA PHE B 77 -2.05 6.19 -2.82
C PHE B 77 -1.65 5.21 -1.71
N VAL B 78 -0.51 4.55 -1.89
CA VAL B 78 0.00 3.62 -0.91
C VAL B 78 0.80 4.42 0.11
N LEU B 79 0.44 4.24 1.37
CA LEU B 79 1.01 5.01 2.47
C LEU B 79 1.57 4.12 3.57
N VAL B 80 2.73 4.51 4.08
CA VAL B 80 3.27 3.96 5.32
C VAL B 80 3.43 5.14 6.26
N ALA B 81 2.76 5.06 7.39
CA ALA B 81 2.62 6.19 8.29
C ALA B 81 3.04 5.81 9.70
N LYS B 82 3.63 6.78 10.40
CA LYS B 82 3.95 6.61 11.80
C LYS B 82 3.44 7.80 12.61
N GLY B 83 2.92 7.51 13.80
CA GLY B 83 2.45 8.56 14.67
C GLY B 83 1.93 8.08 16.00
N LYS B 84 1.41 9.02 16.77
CA LYS B 84 0.96 8.73 18.12
C LYS B 84 -0.56 8.59 18.14
N VAL B 85 -1.04 7.54 18.80
CA VAL B 85 -2.47 7.32 18.97
C VAL B 85 -3.04 8.28 20.02
N ARG B 86 -4.17 8.91 19.71
CA ARG B 86 -4.90 9.72 20.65
C ARG B 86 -6.40 9.55 20.47
N LEU B 87 -7.18 10.03 21.43
CA LEU B 87 -8.63 10.01 21.30
C LEU B 87 -9.04 11.01 20.21
N ARG B 88 -10.12 10.72 19.50
CA ARG B 88 -10.75 11.73 18.62
C ARG B 88 -11.33 12.85 19.48
N GLY B 89 -11.59 13.98 18.84
CA GLY B 89 -12.12 15.16 19.52
C GLY B 89 -13.48 14.89 20.14
N ALA B 90 -13.90 15.76 21.05
CA ALA B 90 -15.20 15.64 21.69
C ALA B 90 -16.29 15.59 20.64
N GLY B 91 -17.16 14.60 20.72
CA GLY B 91 -18.25 14.45 19.77
C GLY B 91 -17.84 13.98 18.37
N LEU B 92 -16.60 13.51 18.19
CA LEU B 92 -16.11 13.13 16.86
C LEU B 92 -15.81 11.63 16.72
N GLU B 93 -16.31 10.84 17.66
CA GLU B 93 -16.15 9.40 17.60
C GLU B 93 -17.03 8.84 16.49
N ASN B 94 -16.50 7.85 15.78
CA ASN B 94 -17.27 7.20 14.73
C ASN B 94 -17.62 5.79 15.17
N PRO B 95 -18.88 5.58 15.58
CA PRO B 95 -19.28 4.28 16.10
C PRO B 95 -19.26 3.13 15.09
N LYS B 96 -19.20 3.44 13.80
CA LYS B 96 -19.18 2.40 12.75
C LYS B 96 -17.78 1.90 12.38
N LEU B 97 -16.76 2.41 13.06
CA LEU B 97 -15.39 1.95 12.90
C LEU B 97 -14.88 1.35 14.19
N LYS B 98 -14.22 0.21 14.08
CA LYS B 98 -13.53 -0.39 15.22
C LYS B 98 -12.53 0.58 15.86
N THR B 99 -11.80 1.32 15.02
CA THR B 99 -10.85 2.34 15.49
C THR B 99 -11.52 3.70 15.73
N GLY B 100 -12.85 3.75 15.76
CA GLY B 100 -13.59 5.00 15.69
C GLY B 100 -13.48 5.96 16.87
N LYS B 101 -12.86 5.52 17.97
CA LYS B 101 -12.64 6.37 19.14
C LYS B 101 -11.27 7.04 19.12
N ILE B 102 -10.42 6.61 18.19
CA ILE B 102 -9.05 7.11 18.15
C ILE B 102 -8.66 7.59 16.76
N GLU B 103 -7.49 8.23 16.72
CA GLU B 103 -6.85 8.65 15.49
C GLU B 103 -5.34 8.65 15.74
N ILE B 104 -4.58 8.69 14.66
CA ILE B 104 -3.13 8.72 14.73
C ILE B 104 -2.66 10.12 14.33
N VAL B 105 -1.97 10.78 15.27
CA VAL B 105 -1.36 12.07 15.00
C VAL B 105 -0.10 11.80 14.18
N LEU B 106 -0.11 12.24 12.94
CA LEU B 106 0.91 11.86 11.98
C LEU B 106 2.22 12.58 12.26
N GLU B 107 3.28 11.80 12.51
CA GLU B 107 4.64 12.33 12.70
C GLU B 107 5.52 12.09 11.48
N GLU B 108 5.30 10.99 10.79
CA GLU B 108 6.09 10.63 9.62
C GLU B 108 5.19 9.95 8.58
N LEU B 109 5.41 10.28 7.32
CA LEU B 109 4.63 9.70 6.24
C LEU B 109 5.48 9.43 5.04
N ILE B 110 5.35 8.23 4.49
CA ILE B 110 5.98 7.87 3.24
C ILE B 110 4.87 7.56 2.25
N ILE B 111 4.91 8.22 1.11
CA ILE B 111 4.06 7.88 -0.01
C ILE B 111 4.87 6.98 -0.92
N GLU B 112 4.48 5.72 -0.98
CA GLU B 112 5.22 4.71 -1.73
C GLU B 112 5.08 4.81 -3.24
N ASN B 113 4.04 5.49 -3.72
CA ASN B 113 3.90 5.81 -5.14
C ASN B 113 4.56 7.14 -5.42
N LYS B 114 4.68 7.49 -6.69
CA LYS B 114 5.23 8.79 -7.04
C LYS B 114 4.30 9.94 -6.64
N SER B 115 4.94 11.00 -6.12
CA SER B 115 4.32 12.28 -5.75
C SER B 115 2.81 12.29 -5.80
C1 GOL C . 2.08 -16.38 -17.51
O1 GOL C . 3.14 -15.52 -17.09
C2 GOL C . 0.85 -16.23 -16.60
O2 GOL C . 0.30 -14.96 -16.89
C3 GOL C . -0.22 -17.30 -16.85
O3 GOL C . -0.23 -18.32 -15.85
C1 BUA D . -15.51 0.14 6.77
C2 BUA D . -14.51 -0.79 7.41
C3 BUA D . -14.96 -1.13 8.85
C4 BUA D . -13.93 -0.83 9.92
O1 BUA D . -12.85 -0.30 9.57
O2 BUA D . -14.19 -1.11 11.14
N1 IMD E . -17.01 25.13 9.64
C2 IMD E . -18.24 24.58 9.70
N3 IMD E . -18.76 24.51 8.45
C4 IMD E . -17.85 25.03 7.61
C5 IMD E . -16.76 25.43 8.35
C1 GOL F . -8.35 17.78 14.64
O1 GOL F . -8.11 19.18 14.89
C2 GOL F . -9.28 17.21 15.71
O2 GOL F . -10.35 16.50 15.08
C3 GOL F . -8.49 16.26 16.61
O3 GOL F . -9.34 15.51 17.48
#